data_4PBT
#
_entry.id   4PBT
#
_cell.length_a   101.640
_cell.length_b   101.640
_cell.length_c   72.240
_cell.angle_alpha   90.00
_cell.angle_beta   90.00
_cell.angle_gamma   90.00
#
_symmetry.space_group_name_H-M   'P 43 21 2'
#
loop_
_entity.id
_entity.type
_entity.pdbx_description
1 polymer 'Tyrosine--tRNA ligase'
2 non-polymer 1-ETHOXY-2-(2-ETHOXYETHOXY)ETHANE
3 non-polymer GLYCEROL
4 non-polymer 4-{[(1R,4E)-cyclooct-4-en-1-ylcarbonyl]amino}-L-phenylalanine
5 water water
#
_entity_poly.entity_id   1
_entity_poly.type   'polypeptide(L)'
_entity_poly.pdbx_seq_one_letter_code
;MDEFEMIKRNTSEIISEEELREVLKKDEKSAGIGFEPSGKIHLGHYLQIKKMIDLQNAGFDIIIELADLHAYLNQKGELD
EIRKIGDYNKKVFEAMGLKAKYVYGSEWMLDKDYTLNVYRLALKTTLKRARRSMELIAREDENPKVAEVIYPIMQVNSIH
YKGVDVAVGGMEQRKIHMLARELLPKKVVCIHNPVLTGLDGEGKMSSSKGNFIAVDDSPEEIRAKIKKAYCPAGVVEGNP
IMEIAKYFLEYPLTIKRPEKFGGDLTVNSYEELESLFKNKELHPMDLKNAVAEELIKILEPIRKRLLEHHHHHH
;
_entity_poly.pdbx_strand_id   A
#
# COMPACT_ATOMS: atom_id res chain seq x y z
N MET A 1 -1.16 -16.45 16.67
CA MET A 1 -0.55 -16.36 15.36
C MET A 1 0.96 -16.55 15.39
N ASP A 2 1.48 -17.34 14.46
CA ASP A 2 2.92 -17.44 14.28
C ASP A 2 3.39 -16.29 13.41
N GLU A 3 4.64 -16.33 12.95
CA GLU A 3 5.14 -15.24 12.12
C GLU A 3 4.56 -15.28 10.71
N PHE A 4 4.30 -16.48 10.19
CA PHE A 4 3.70 -16.58 8.86
C PHE A 4 2.28 -16.02 8.85
N GLU A 5 1.49 -16.36 9.86
CA GLU A 5 0.12 -15.85 9.93
C GLU A 5 0.09 -14.35 10.16
N MET A 6 1.05 -13.82 10.92
N MET A 6 1.06 -13.82 10.90
CA MET A 6 1.13 -12.38 11.10
CA MET A 6 1.12 -12.37 11.10
C MET A 6 1.38 -11.66 9.78
C MET A 6 1.43 -11.63 9.81
N ILE A 7 2.22 -12.24 8.92
CA ILE A 7 2.52 -11.61 7.64
C ILE A 7 1.33 -11.76 6.69
N LYS A 8 0.65 -12.90 6.74
CA LYS A 8 -0.46 -13.15 5.84
C LYS A 8 -1.71 -12.36 6.21
N ARG A 9 -1.77 -11.83 7.42
CA ARG A 9 -2.99 -11.17 7.90
C ARG A 9 -3.34 -9.97 7.03
N ASN A 10 -4.58 -9.95 6.53
CA ASN A 10 -5.11 -8.81 5.78
C ASN A 10 -4.38 -8.61 4.46
N THR A 11 -3.85 -9.68 3.88
CA THR A 11 -3.27 -9.63 2.55
C THR A 11 -4.23 -10.31 1.56
N SER A 12 -4.11 -9.91 0.29
CA SER A 12 -4.96 -10.48 -0.75
C SER A 12 -4.41 -11.80 -1.27
N GLU A 13 -3.09 -11.90 -1.43
CA GLU A 13 -2.48 -13.13 -1.91
C GLU A 13 -0.99 -13.09 -1.61
N ILE A 14 -0.41 -14.28 -1.51
CA ILE A 14 1.02 -14.46 -1.30
C ILE A 14 1.53 -15.43 -2.37
N ILE A 15 2.55 -15.02 -3.10
CA ILE A 15 3.09 -15.85 -4.18
C ILE A 15 4.57 -16.15 -3.97
N SER A 16 4.85 -17.30 -3.35
CA SER A 16 3.81 -18.18 -2.85
C SER A 16 4.02 -18.46 -1.37
N GLU A 17 3.06 -19.14 -0.74
CA GLU A 17 3.16 -19.40 0.69
C GLU A 17 4.32 -20.34 1.00
N GLU A 18 4.53 -21.36 0.18
CA GLU A 18 5.65 -22.27 0.41
C GLU A 18 6.98 -21.55 0.26
N GLU A 19 7.10 -20.68 -0.75
CA GLU A 19 8.34 -19.92 -0.92
C GLU A 19 8.55 -18.93 0.23
N LEU A 20 7.46 -18.36 0.76
CA LEU A 20 7.60 -17.47 1.90
C LEU A 20 8.07 -18.21 3.14
N ARG A 21 7.68 -19.48 3.29
CA ARG A 21 8.15 -20.26 4.42
C ARG A 21 9.65 -20.54 4.33
N GLU A 22 10.19 -20.66 3.11
N GLU A 22 10.20 -20.62 3.12
CA GLU A 22 11.62 -20.80 2.94
CA GLU A 22 11.63 -20.81 2.98
C GLU A 22 12.36 -19.54 3.40
C GLU A 22 12.41 -19.54 3.29
N VAL A 23 11.84 -18.37 3.00
CA VAL A 23 12.52 -17.11 3.32
C VAL A 23 12.53 -16.86 4.81
N LEU A 24 11.46 -17.24 5.51
CA LEU A 24 11.37 -17.01 6.95
C LEU A 24 12.44 -17.77 7.72
N LYS A 25 12.99 -18.84 7.16
CA LYS A 25 14.01 -19.61 7.86
C LYS A 25 15.34 -18.87 7.91
N LYS A 26 15.61 -18.02 6.94
CA LYS A 26 16.92 -17.38 6.84
C LYS A 26 17.14 -16.38 7.97
N ASP A 27 18.40 -16.25 8.39
CA ASP A 27 18.77 -15.20 9.33
C ASP A 27 18.61 -13.82 8.71
N GLU A 28 19.15 -13.65 7.51
CA GLU A 28 19.04 -12.39 6.77
C GLU A 28 18.00 -12.55 5.66
N LYS A 29 17.10 -11.57 5.57
CA LYS A 29 16.07 -11.57 4.55
C LYS A 29 15.55 -10.14 4.40
N SER A 30 15.38 -9.69 3.16
CA SER A 30 15.01 -8.32 2.87
C SER A 30 13.65 -8.27 2.18
N ALA A 31 12.88 -7.23 2.51
CA ALA A 31 11.60 -6.96 1.87
C ALA A 31 11.60 -5.53 1.35
N GLY A 32 11.08 -5.34 0.15
CA GLY A 32 11.11 -4.04 -0.49
C GLY A 32 9.75 -3.64 -1.02
N ILE A 33 9.53 -2.33 -1.06
CA ILE A 33 8.32 -1.75 -1.65
C ILE A 33 8.69 -0.37 -2.17
N GLY A 34 8.02 0.04 -3.24
CA GLY A 34 8.28 1.32 -3.87
C GLY A 34 7.04 2.18 -3.92
N PHE A 35 7.23 3.49 -3.75
CA PHE A 35 6.16 4.47 -3.83
C PHE A 35 6.58 5.60 -4.74
N GLU A 36 5.76 5.91 -5.73
CA GLU A 36 5.91 7.16 -6.45
C GLU A 36 5.60 8.30 -5.50
N PRO A 37 6.48 9.29 -5.36
CA PRO A 37 6.23 10.38 -4.41
C PRO A 37 4.87 11.02 -4.62
N SER A 38 4.10 11.13 -3.54
CA SER A 38 2.73 11.64 -3.58
C SER A 38 2.62 12.85 -2.66
N GLY A 39 1.85 13.85 -3.12
CA GLY A 39 1.67 15.04 -2.30
C GLY A 39 0.91 14.79 -1.02
N LYS A 40 0.11 13.73 -0.99
CA LYS A 40 -0.65 13.34 0.19
C LYS A 40 -0.49 11.86 0.44
N ILE A 41 -0.24 11.48 1.68
CA ILE A 41 -0.13 10.08 2.09
C ILE A 41 -1.43 9.70 2.78
N HIS A 42 -2.13 8.70 2.23
CA HIS A 42 -3.44 8.32 2.72
C HIS A 42 -3.40 6.89 3.28
N LEU A 43 -4.59 6.36 3.59
CA LEU A 43 -4.68 5.05 4.23
C LEU A 43 -4.13 3.94 3.33
N GLY A 44 -4.19 4.13 2.01
CA GLY A 44 -3.59 3.15 1.11
C GLY A 44 -2.11 2.97 1.36
N HIS A 45 -1.39 4.08 1.56
CA HIS A 45 0.02 3.99 1.93
C HIS A 45 0.19 3.38 3.30
N TYR A 46 -0.64 3.80 4.26
CA TYR A 46 -0.52 3.30 5.62
C TYR A 46 -0.72 1.79 5.68
N LEU A 47 -1.68 1.27 4.91
CA LEU A 47 -1.90 -0.17 4.88
C LEU A 47 -0.65 -0.91 4.45
N GLN A 48 0.07 -0.39 3.44
N GLN A 48 0.05 -0.40 3.43
CA GLN A 48 1.27 -1.07 2.98
CA GLN A 48 1.27 -1.05 2.97
C GLN A 48 2.42 -0.91 3.97
C GLN A 48 2.39 -0.92 3.99
N ILE A 49 2.53 0.26 4.60
CA ILE A 49 3.58 0.47 5.60
C ILE A 49 3.33 -0.40 6.81
N LYS A 50 2.06 -0.62 7.19
CA LYS A 50 1.75 -1.51 8.29
C LYS A 50 2.20 -2.93 7.99
N LYS A 51 2.07 -3.35 6.72
CA LYS A 51 2.54 -4.69 6.35
C LYS A 51 4.06 -4.75 6.32
N MET A 52 4.73 -3.66 5.93
CA MET A 52 6.18 -3.62 6.01
C MET A 52 6.66 -3.66 7.46
N ILE A 53 5.88 -3.11 8.38
CA ILE A 53 6.22 -3.19 9.79
C ILE A 53 6.07 -4.62 10.30
N ASP A 54 5.05 -5.33 9.80
CA ASP A 54 4.91 -6.75 10.14
C ASP A 54 6.15 -7.53 9.72
N LEU A 55 6.62 -7.31 8.50
CA LEU A 55 7.82 -7.99 8.02
C LEU A 55 9.03 -7.60 8.85
N GLN A 56 9.10 -6.33 9.27
CA GLN A 56 10.23 -5.91 10.10
C GLN A 56 10.20 -6.60 11.46
N ASN A 57 9.00 -6.77 12.03
CA ASN A 57 8.88 -7.50 13.29
C ASN A 57 9.21 -8.98 13.13
N ALA A 58 9.15 -9.51 11.91
CA ALA A 58 9.45 -10.90 11.64
C ALA A 58 10.91 -11.13 11.27
N GLY A 59 11.76 -10.11 11.39
CA GLY A 59 13.17 -10.25 11.11
C GLY A 59 13.61 -9.82 9.73
N PHE A 60 12.76 -9.13 8.98
CA PHE A 60 13.10 -8.67 7.64
C PHE A 60 13.79 -7.31 7.70
N ASP A 61 14.78 -7.13 6.83
CA ASP A 61 15.38 -5.81 6.61
C ASP A 61 14.57 -5.09 5.54
N ILE A 62 13.98 -3.97 5.91
CA ILE A 62 13.05 -3.27 5.04
C ILE A 62 13.78 -2.23 4.21
N ILE A 63 13.46 -2.19 2.92
CA ILE A 63 13.98 -1.19 2.00
C ILE A 63 12.81 -0.51 1.33
N ILE A 64 12.82 0.82 1.29
CA ILE A 64 11.75 1.61 0.71
C ILE A 64 12.35 2.43 -0.42
N GLU A 65 11.85 2.23 -1.64
CA GLU A 65 12.30 3.00 -2.79
C GLU A 65 11.39 4.21 -2.97
N LEU A 66 11.96 5.40 -2.82
CA LEU A 66 11.30 6.63 -3.24
C LEU A 66 11.46 6.72 -4.75
N ALA A 67 10.51 6.11 -5.47
CA ALA A 67 10.62 5.90 -6.91
C ALA A 67 10.48 7.23 -7.65
N ASP A 68 11.60 7.95 -7.74
CA ASP A 68 11.59 9.24 -8.43
C ASP A 68 11.54 9.08 -9.94
N LEU A 69 12.33 8.16 -10.50
CA LEU A 69 12.30 7.95 -11.94
C LEU A 69 11.00 7.30 -12.38
N HIS A 70 10.44 6.40 -11.56
CA HIS A 70 9.15 5.81 -11.87
C HIS A 70 8.08 6.89 -11.96
N ALA A 71 8.02 7.77 -10.96
CA ALA A 71 7.07 8.88 -11.03
C ALA A 71 7.38 9.81 -12.19
N TYR A 72 8.65 9.99 -12.53
CA TYR A 72 9.01 10.80 -13.68
C TYR A 72 8.52 10.16 -14.98
N LEU A 73 8.69 8.85 -15.12
CA LEU A 73 8.20 8.16 -16.30
C LEU A 73 6.67 8.12 -16.33
N ASN A 74 6.03 8.12 -15.17
CA ASN A 74 4.58 8.09 -15.07
C ASN A 74 3.97 9.48 -15.05
N GLN A 75 4.71 10.49 -15.50
CA GLN A 75 4.17 11.85 -15.71
C GLN A 75 3.72 12.49 -14.41
N LYS A 76 4.60 12.45 -13.40
CA LYS A 76 4.33 13.10 -12.12
C LYS A 76 5.02 14.45 -12.00
N GLY A 77 5.84 14.83 -12.99
CA GLY A 77 6.49 16.12 -13.01
C GLY A 77 7.97 15.99 -13.26
N GLU A 78 8.72 16.99 -12.79
CA GLU A 78 10.16 17.03 -12.96
C GLU A 78 10.85 16.31 -11.80
N LEU A 79 12.09 15.89 -12.06
CA LEU A 79 12.82 15.06 -11.10
C LEU A 79 13.08 15.81 -9.80
N ASP A 80 13.51 17.07 -9.88
CA ASP A 80 13.86 17.80 -8.67
C ASP A 80 12.65 18.00 -7.76
N GLU A 81 11.49 18.26 -8.36
CA GLU A 81 10.28 18.41 -7.56
C GLU A 81 9.79 17.07 -7.03
N ILE A 82 9.94 16.01 -7.82
CA ILE A 82 9.53 14.68 -7.37
C ILE A 82 10.39 14.22 -6.20
N ARG A 83 11.66 14.61 -6.18
CA ARG A 83 12.56 14.14 -5.14
C ARG A 83 12.28 14.79 -3.79
N LYS A 84 11.95 16.09 -3.80
CA LYS A 84 11.63 16.74 -2.54
C LYS A 84 10.29 16.26 -1.98
N ILE A 85 9.37 15.85 -2.85
CA ILE A 85 8.14 15.23 -2.37
C ILE A 85 8.43 13.86 -1.78
N GLY A 86 9.34 13.11 -2.40
CA GLY A 86 9.74 11.82 -1.85
C GLY A 86 10.39 11.96 -0.48
N ASP A 87 11.15 13.04 -0.28
CA ASP A 87 11.73 13.30 1.03
C ASP A 87 10.65 13.61 2.06
N TYR A 88 9.55 14.24 1.62
CA TYR A 88 8.42 14.46 2.53
C TYR A 88 7.72 13.15 2.84
N ASN A 89 7.61 12.25 1.86
CA ASN A 89 7.00 10.95 2.12
C ASN A 89 7.81 10.13 3.11
N LYS A 90 9.15 10.25 3.05
CA LYS A 90 10.00 9.55 4.01
C LYS A 90 9.69 9.99 5.44
N LYS A 91 9.49 11.30 5.64
CA LYS A 91 9.15 11.79 6.97
C LYS A 91 7.82 11.24 7.44
N VAL A 92 6.84 11.13 6.53
CA VAL A 92 5.54 10.58 6.90
C VAL A 92 5.65 9.09 7.20
N PHE A 93 6.43 8.36 6.40
CA PHE A 93 6.63 6.94 6.65
C PHE A 93 7.32 6.70 7.99
N GLU A 94 8.32 7.52 8.30
CA GLU A 94 8.99 7.41 9.59
C GLU A 94 8.06 7.78 10.73
N ALA A 95 7.21 8.79 10.52
CA ALA A 95 6.21 9.14 11.52
C ALA A 95 5.20 8.03 11.72
N MET A 96 4.99 7.17 10.73
CA MET A 96 4.13 6.01 10.88
C MET A 96 4.75 4.94 11.77
N GLY A 97 6.02 5.07 12.13
CA GLY A 97 6.70 4.08 12.94
C GLY A 97 7.58 3.12 12.16
N LEU A 98 7.90 3.42 10.91
CA LEU A 98 8.73 2.55 10.09
C LEU A 98 10.13 3.11 9.99
N LYS A 99 11.08 2.44 10.65
CA LYS A 99 12.50 2.76 10.52
C LYS A 99 13.10 1.78 9.52
N ALA A 100 13.43 2.28 8.33
CA ALA A 100 13.94 1.43 7.26
C ALA A 100 14.99 2.20 6.47
N LYS A 101 15.44 1.61 5.37
CA LYS A 101 16.42 2.22 4.47
C LYS A 101 15.65 2.83 3.30
N TYR A 102 15.48 4.15 3.34
CA TYR A 102 14.80 4.87 2.27
C TYR A 102 15.82 5.27 1.20
N VAL A 103 15.59 4.81 -0.03
N VAL A 103 15.59 4.81 -0.03
CA VAL A 103 16.52 5.02 -1.13
CA VAL A 103 16.52 5.02 -1.13
C VAL A 103 15.74 5.50 -2.35
C VAL A 103 15.74 5.50 -2.34
N TYR A 104 16.36 6.39 -3.12
CA TYR A 104 15.79 6.84 -4.39
C TYR A 104 16.20 5.88 -5.48
N GLY A 105 15.25 5.54 -6.36
CA GLY A 105 15.54 4.61 -7.44
C GLY A 105 16.68 5.09 -8.32
N SER A 106 16.73 6.40 -8.58
CA SER A 106 17.77 6.97 -9.43
C SER A 106 19.16 6.76 -8.88
N GLU A 107 19.30 6.30 -7.63
CA GLU A 107 20.62 6.01 -7.09
C GLU A 107 21.26 4.80 -7.75
N TRP A 108 20.46 3.94 -8.40
CA TRP A 108 20.98 2.76 -9.07
C TRP A 108 20.47 2.56 -10.49
N MET A 109 19.44 3.29 -10.92
N MET A 109 19.44 3.30 -10.91
CA MET A 109 18.87 3.10 -12.24
CA MET A 109 18.85 3.12 -12.24
C MET A 109 19.69 3.75 -13.35
C MET A 109 19.68 3.74 -13.35
N LEU A 110 20.83 4.35 -13.03
CA LEU A 110 21.71 4.92 -14.03
C LEU A 110 23.03 4.16 -14.15
N ASP A 111 23.25 3.15 -13.31
CA ASP A 111 24.44 2.31 -13.43
C ASP A 111 24.44 1.61 -14.77
N LYS A 112 25.63 1.43 -15.34
CA LYS A 112 25.74 0.81 -16.66
C LYS A 112 25.24 -0.63 -16.62
N ASP A 113 25.52 -1.36 -15.54
CA ASP A 113 25.04 -2.73 -15.43
C ASP A 113 23.52 -2.78 -15.35
N TYR A 114 22.91 -1.87 -14.59
CA TYR A 114 21.46 -1.82 -14.52
C TYR A 114 20.85 -1.48 -15.87
N THR A 115 21.38 -0.45 -16.53
CA THR A 115 20.84 -0.04 -17.82
C THR A 115 21.01 -1.14 -18.86
N LEU A 116 22.12 -1.87 -18.80
CA LEU A 116 22.35 -2.94 -19.78
C LEU A 116 21.32 -4.05 -19.63
N ASN A 117 20.92 -4.37 -18.39
CA ASN A 117 19.91 -5.39 -18.19
C ASN A 117 18.52 -4.90 -18.54
N VAL A 118 18.30 -3.58 -18.54
CA VAL A 118 17.04 -3.04 -19.03
C VAL A 118 16.84 -3.40 -20.50
N TYR A 119 17.92 -3.32 -21.28
CA TYR A 119 17.85 -3.68 -22.69
C TYR A 119 17.69 -5.18 -22.87
N ARG A 120 18.31 -5.98 -22.01
CA ARG A 120 18.13 -7.43 -22.08
C ARG A 120 16.68 -7.81 -21.75
N LEU A 121 16.13 -7.22 -20.69
CA LEU A 121 14.73 -7.50 -20.34
C LEU A 121 13.78 -7.01 -21.42
N ALA A 122 14.12 -5.90 -22.09
CA ALA A 122 13.28 -5.42 -23.17
C ALA A 122 13.22 -6.42 -24.31
N LEU A 123 14.28 -7.19 -24.53
CA LEU A 123 14.26 -8.23 -25.55
C LEU A 123 13.31 -9.36 -25.19
N LYS A 124 13.04 -9.57 -23.91
CA LYS A 124 12.24 -10.69 -23.45
C LYS A 124 10.82 -10.29 -23.07
N THR A 125 10.47 -9.01 -23.13
CA THR A 125 9.16 -8.52 -22.73
C THR A 125 8.42 -8.01 -23.95
N THR A 126 7.26 -8.58 -24.23
CA THR A 126 6.45 -8.15 -25.35
C THR A 126 5.70 -6.87 -24.99
N LEU A 127 5.39 -6.07 -26.03
CA LEU A 127 4.67 -4.82 -25.82
C LEU A 127 3.30 -5.09 -25.21
N LYS A 128 2.61 -6.14 -25.68
CA LYS A 128 1.30 -6.47 -25.13
C LYS A 128 1.40 -6.88 -23.67
N ARG A 129 2.45 -7.61 -23.32
CA ARG A 129 2.66 -8.01 -21.93
C ARG A 129 2.95 -6.79 -21.05
N ALA A 130 3.82 -5.89 -21.52
CA ALA A 130 4.16 -4.72 -20.72
C ALA A 130 2.97 -3.80 -20.55
N ARG A 131 2.17 -3.62 -21.59
CA ARG A 131 1.00 -2.74 -21.48
C ARG A 131 -0.05 -3.32 -20.55
N ARG A 132 -0.21 -4.65 -20.57
CA ARG A 132 -1.18 -5.28 -19.67
C ARG A 132 -0.80 -5.11 -18.21
N SER A 133 0.50 -5.07 -17.90
CA SER A 133 0.94 -4.91 -16.53
C SER A 133 0.80 -3.49 -16.02
N MET A 134 0.52 -2.53 -16.91
CA MET A 134 0.44 -1.12 -16.54
C MET A 134 -0.99 -0.58 -16.59
N GLU A 135 -1.98 -1.45 -16.84
CA GLU A 135 -3.35 -0.97 -16.99
C GLU A 135 -3.86 -0.30 -15.72
N LEU A 136 -3.49 -0.83 -14.56
CA LEU A 136 -3.93 -0.29 -13.28
C LEU A 136 -2.91 0.65 -12.65
N ILE A 137 -1.89 1.07 -13.40
CA ILE A 137 -0.82 1.87 -12.84
C ILE A 137 -0.58 3.12 -13.68
N ALA A 138 -0.61 2.96 -15.00
CA ALA A 138 -0.24 4.05 -15.89
C ALA A 138 -1.21 5.22 -15.74
N ARG A 139 -0.65 6.42 -15.71
CA ARG A 139 -1.47 7.63 -15.67
C ARG A 139 -2.28 7.75 -16.95
N GLU A 140 -3.53 8.18 -16.81
CA GLU A 140 -4.44 8.26 -17.95
C GLU A 140 -3.85 9.11 -19.06
N ASP A 141 -3.80 8.56 -20.27
CA ASP A 141 -3.17 9.23 -21.41
C ASP A 141 -3.82 8.73 -22.68
N GLU A 142 -4.49 9.64 -23.40
CA GLU A 142 -5.08 9.28 -24.69
C GLU A 142 -4.02 8.90 -25.71
N ASN A 143 -2.77 9.27 -25.47
CA ASN A 143 -1.66 8.96 -26.36
C ASN A 143 -0.54 8.35 -25.52
N PRO A 144 -0.61 7.05 -25.24
CA PRO A 144 0.39 6.43 -24.36
C PRO A 144 1.80 6.60 -24.91
N LYS A 145 2.75 6.82 -24.00
CA LYS A 145 4.13 7.06 -24.34
C LYS A 145 4.96 5.79 -24.17
N VAL A 146 6.15 5.80 -24.77
CA VAL A 146 7.08 4.67 -24.63
C VAL A 146 7.48 4.48 -23.17
N ALA A 147 7.46 5.56 -22.38
CA ALA A 147 7.80 5.46 -20.96
C ALA A 147 6.87 4.51 -20.22
N GLU A 148 5.65 4.31 -20.72
CA GLU A 148 4.72 3.41 -20.04
C GLU A 148 5.21 1.97 -20.08
N VAL A 149 5.85 1.55 -21.18
CA VAL A 149 6.35 0.19 -21.29
C VAL A 149 7.76 0.05 -20.73
N ILE A 150 8.51 1.15 -20.59
CA ILE A 150 9.79 1.09 -19.90
C ILE A 150 9.58 0.94 -18.40
N TYR A 151 8.49 1.52 -17.88
CA TYR A 151 8.19 1.48 -16.46
C TYR A 151 8.22 0.08 -15.87
N PRO A 152 7.50 -0.90 -16.41
CA PRO A 152 7.48 -2.23 -15.77
C PRO A 152 8.81 -2.94 -15.79
N ILE A 153 9.62 -2.77 -16.85
N ILE A 153 9.61 -2.77 -16.86
CA ILE A 153 10.92 -3.43 -16.87
CA ILE A 153 10.91 -3.42 -16.92
C ILE A 153 11.92 -2.74 -15.95
C ILE A 153 11.83 -2.87 -15.86
N MET A 154 11.72 -1.46 -15.61
N MET A 154 11.78 -1.56 -15.61
CA MET A 154 12.55 -0.82 -14.61
CA MET A 154 12.65 -0.96 -14.61
C MET A 154 12.28 -1.40 -13.23
C MET A 154 12.29 -1.43 -13.21
N GLN A 155 11.01 -1.68 -12.93
CA GLN A 155 10.64 -2.23 -11.63
C GLN A 155 11.09 -3.68 -11.51
N VAL A 156 11.02 -4.44 -12.61
CA VAL A 156 11.52 -5.80 -12.60
C VAL A 156 13.04 -5.82 -12.48
N ASN A 157 13.71 -4.87 -13.15
CA ASN A 157 15.16 -4.83 -13.10
C ASN A 157 15.67 -4.44 -11.72
N SER A 158 14.96 -3.54 -11.03
CA SER A 158 15.34 -3.16 -9.68
C SER A 158 15.26 -4.35 -8.73
N ILE A 159 14.20 -5.14 -8.86
CA ILE A 159 14.07 -6.35 -8.04
C ILE A 159 15.26 -7.27 -8.24
N HIS A 160 15.73 -7.39 -9.48
CA HIS A 160 16.88 -8.24 -9.78
C HIS A 160 18.19 -7.56 -9.40
N TYR A 161 18.29 -6.25 -9.63
N TYR A 161 18.29 -6.25 -9.63
CA TYR A 161 19.55 -5.55 -9.40
CA TYR A 161 19.55 -5.55 -9.40
C TYR A 161 19.85 -5.42 -7.92
C TYR A 161 19.86 -5.42 -7.91
N LYS A 162 18.83 -5.23 -7.09
CA LYS A 162 19.02 -5.07 -5.65
C LYS A 162 18.83 -6.35 -4.86
N GLY A 163 18.19 -7.36 -5.45
CA GLY A 163 18.14 -8.68 -4.85
C GLY A 163 17.34 -8.82 -3.57
N VAL A 164 16.13 -8.25 -3.53
CA VAL A 164 15.27 -8.44 -2.38
C VAL A 164 14.69 -9.84 -2.40
N ASP A 165 14.39 -10.37 -1.21
CA ASP A 165 13.78 -11.70 -1.13
C ASP A 165 12.27 -11.63 -1.32
N VAL A 166 11.63 -10.57 -0.82
CA VAL A 166 10.19 -10.41 -0.89
C VAL A 166 9.88 -9.03 -1.46
N ALA A 167 8.88 -8.97 -2.34
CA ALA A 167 8.38 -7.72 -2.88
C ALA A 167 6.94 -7.52 -2.43
N VAL A 168 6.64 -6.34 -1.91
CA VAL A 168 5.32 -6.03 -1.38
C VAL A 168 4.70 -4.91 -2.20
N GLY A 169 3.38 -4.94 -2.29
CA GLY A 169 2.65 -3.92 -3.02
C GLY A 169 1.19 -4.30 -3.12
N GLY A 170 0.42 -3.36 -3.66
CA GLY A 170 -0.99 -3.59 -3.89
C GLY A 170 -1.24 -4.64 -4.96
N MET A 171 -2.51 -5.03 -5.08
CA MET A 171 -2.87 -6.02 -6.09
C MET A 171 -2.63 -5.53 -7.51
N GLU A 172 -2.57 -4.21 -7.71
CA GLU A 172 -2.31 -3.68 -9.05
C GLU A 172 -0.88 -3.97 -9.51
N GLN A 173 0.00 -4.41 -8.61
CA GLN A 173 1.37 -4.73 -8.96
C GLN A 173 1.58 -6.18 -9.34
N ARG A 174 0.52 -7.00 -9.32
CA ARG A 174 0.70 -8.44 -9.47
C ARG A 174 1.20 -8.81 -10.87
N LYS A 175 0.72 -8.11 -11.90
CA LYS A 175 1.17 -8.44 -13.26
C LYS A 175 2.65 -8.10 -13.45
N ILE A 176 3.11 -6.99 -12.87
CA ILE A 176 4.53 -6.70 -12.90
C ILE A 176 5.32 -7.73 -12.10
N HIS A 177 4.75 -8.18 -10.97
CA HIS A 177 5.42 -9.19 -10.17
C HIS A 177 5.41 -10.54 -10.86
N MET A 178 4.32 -10.87 -11.57
N MET A 178 4.33 -10.86 -11.58
CA MET A 178 4.30 -12.09 -12.36
CA MET A 178 4.30 -12.10 -12.35
C MET A 178 5.35 -12.07 -13.44
C MET A 178 5.33 -12.08 -13.47
N LEU A 179 5.63 -10.90 -14.02
CA LEU A 179 6.65 -10.79 -15.06
C LEU A 179 8.05 -10.96 -14.47
N ALA A 180 8.28 -10.43 -13.27
CA ALA A 180 9.59 -10.58 -12.63
C ALA A 180 9.85 -12.03 -12.27
N ARG A 181 8.82 -12.77 -11.86
CA ARG A 181 9.00 -14.18 -11.53
C ARG A 181 9.26 -15.03 -12.77
N GLU A 182 8.84 -14.57 -13.95
CA GLU A 182 9.09 -15.31 -15.18
C GLU A 182 10.48 -15.03 -15.74
N LEU A 183 10.91 -13.78 -15.71
CA LEU A 183 12.12 -13.37 -16.39
C LEU A 183 13.37 -13.44 -15.50
N LEU A 184 13.21 -13.33 -14.19
CA LEU A 184 14.44 -13.28 -13.42
C LEU A 184 14.89 -14.67 -12.98
N PRO A 185 16.20 -14.87 -12.85
CA PRO A 185 16.69 -16.19 -12.42
C PRO A 185 16.30 -16.52 -10.99
N LYS A 186 16.20 -15.54 -10.11
CA LYS A 186 15.77 -15.74 -8.74
C LYS A 186 14.33 -15.27 -8.60
N LYS A 187 13.43 -16.19 -8.28
CA LYS A 187 12.02 -15.85 -8.13
C LYS A 187 11.80 -15.13 -6.81
N VAL A 188 11.15 -13.97 -6.87
N VAL A 188 11.16 -13.97 -6.87
CA VAL A 188 10.90 -13.14 -5.69
CA VAL A 188 10.90 -13.14 -5.70
C VAL A 188 9.53 -13.48 -5.12
C VAL A 188 9.53 -13.52 -5.12
N VAL A 189 9.46 -13.60 -3.80
CA VAL A 189 8.21 -13.87 -3.12
C VAL A 189 7.39 -12.57 -3.11
N CYS A 190 6.14 -12.67 -3.56
CA CYS A 190 5.29 -11.49 -3.74
C CYS A 190 4.17 -11.52 -2.70
N ILE A 191 4.06 -10.42 -1.95
CA ILE A 191 2.97 -10.22 -0.99
C ILE A 191 2.13 -9.05 -1.50
N HIS A 192 0.86 -9.31 -1.79
CA HIS A 192 -0.04 -8.32 -2.38
C HIS A 192 -1.11 -7.94 -1.36
N ASN A 193 -1.22 -6.64 -1.10
CA ASN A 193 -2.20 -6.07 -0.19
C ASN A 193 -3.47 -5.66 -0.93
N PRO A 194 -4.61 -5.66 -0.25
CA PRO A 194 -5.85 -5.24 -0.91
C PRO A 194 -5.79 -3.78 -1.34
N VAL A 195 -6.60 -3.44 -2.33
CA VAL A 195 -6.72 -2.08 -2.83
C VAL A 195 -7.94 -1.45 -2.18
N LEU A 196 -7.72 -0.39 -1.40
CA LEU A 196 -8.80 0.25 -0.67
C LEU A 196 -9.77 0.94 -1.62
N THR A 197 -11.05 0.84 -1.32
CA THR A 197 -12.09 1.51 -2.09
C THR A 197 -12.14 2.99 -1.73
N GLY A 198 -12.46 3.81 -2.73
CA GLY A 198 -12.61 5.24 -2.48
C GLY A 198 -13.76 5.54 -1.55
N LEU A 199 -13.71 6.75 -0.97
CA LEU A 199 -14.74 7.16 -0.02
C LEU A 199 -16.11 7.24 -0.68
N ASP A 200 -16.16 7.58 -1.97
CA ASP A 200 -17.43 7.63 -2.69
C ASP A 200 -17.87 6.28 -3.22
N GLY A 201 -17.11 5.22 -2.97
CA GLY A 201 -17.42 3.90 -3.47
C GLY A 201 -17.18 3.70 -4.95
N GLU A 202 -16.69 4.71 -5.65
CA GLU A 202 -16.43 4.63 -7.09
C GLU A 202 -14.93 4.56 -7.30
N GLY A 203 -14.44 3.35 -7.59
CA GLY A 203 -13.02 3.16 -7.81
C GLY A 203 -12.24 3.02 -6.52
N LYS A 204 -10.92 2.95 -6.69
CA LYS A 204 -10.00 2.77 -5.57
C LYS A 204 -9.54 4.11 -5.03
N MET A 205 -9.13 4.10 -3.76
CA MET A 205 -8.63 5.29 -3.11
C MET A 205 -7.33 5.74 -3.80
N SER A 206 -7.32 6.97 -4.29
CA SER A 206 -6.19 7.50 -5.05
C SER A 206 -5.86 8.90 -4.60
N SER A 207 -4.57 9.23 -4.60
CA SER A 207 -4.14 10.58 -4.24
C SER A 207 -4.57 11.62 -5.28
N SER A 208 -4.87 11.19 -6.50
CA SER A 208 -5.26 12.10 -7.57
C SER A 208 -6.76 12.10 -7.84
N LYS A 209 -7.54 11.30 -7.12
CA LYS A 209 -8.98 11.23 -7.31
C LYS A 209 -9.77 11.88 -6.19
N GLY A 210 -9.10 12.36 -5.14
CA GLY A 210 -9.79 13.07 -4.07
C GLY A 210 -10.82 12.24 -3.33
N ASN A 211 -10.55 10.95 -3.14
CA ASN A 211 -11.45 10.06 -2.42
C ASN A 211 -10.73 9.35 -1.29
N PHE A 212 -9.76 10.02 -0.66
CA PHE A 212 -8.89 9.39 0.31
C PHE A 212 -8.97 10.10 1.65
N ILE A 213 -8.47 9.43 2.68
CA ILE A 213 -8.25 10.01 4.00
C ILE A 213 -6.75 10.07 4.22
N ALA A 214 -6.20 11.28 4.30
CA ALA A 214 -4.77 11.43 4.55
C ALA A 214 -4.46 11.14 6.02
N VAL A 215 -3.28 10.57 6.25
CA VAL A 215 -2.89 10.21 7.61
C VAL A 215 -2.74 11.44 8.50
N ASP A 216 -2.56 12.62 7.91
CA ASP A 216 -2.43 13.85 8.67
C ASP A 216 -3.65 14.76 8.53
N ASP A 217 -4.79 14.21 8.13
CA ASP A 217 -6.02 14.99 8.10
C ASP A 217 -6.45 15.34 9.52
N SER A 218 -7.02 16.53 9.69
CA SER A 218 -7.49 16.94 10.99
C SER A 218 -8.67 16.07 11.41
N PRO A 219 -8.92 15.97 12.72
CA PRO A 219 -10.08 15.17 13.18
C PRO A 219 -11.40 15.61 12.58
N GLU A 220 -11.64 16.92 12.46
CA GLU A 220 -12.87 17.39 11.85
C GLU A 220 -12.94 17.02 10.37
N GLU A 221 -11.79 17.04 9.69
CA GLU A 221 -11.77 16.63 8.28
C GLU A 221 -12.05 15.15 8.12
N ILE A 222 -11.59 14.33 9.06
CA ILE A 222 -11.86 12.89 8.99
C ILE A 222 -13.35 12.62 9.22
N ARG A 223 -13.96 13.32 10.19
CA ARG A 223 -15.37 13.11 10.47
C ARG A 223 -16.24 13.51 9.29
N ALA A 224 -15.87 14.60 8.60
CA ALA A 224 -16.65 15.05 7.45
C ALA A 224 -16.50 14.10 6.27
N LYS A 225 -15.29 13.60 6.04
CA LYS A 225 -15.08 12.66 4.93
C LYS A 225 -15.84 11.37 5.15
N ILE A 226 -15.86 10.87 6.40
CA ILE A 226 -16.56 9.64 6.68
C ILE A 226 -18.07 9.86 6.67
N LYS A 227 -18.52 11.04 7.10
CA LYS A 227 -19.96 11.32 7.11
C LYS A 227 -20.54 11.28 5.71
N LYS A 228 -19.79 11.75 4.71
CA LYS A 228 -20.23 11.74 3.32
C LYS A 228 -19.86 10.45 2.59
N ALA A 229 -19.21 9.52 3.28
CA ALA A 229 -18.68 8.32 2.62
C ALA A 229 -19.79 7.35 2.23
N TYR A 230 -19.51 6.59 1.17
CA TYR A 230 -20.43 5.55 0.73
C TYR A 230 -20.45 4.42 1.74
N CYS A 231 -21.62 4.14 2.31
CA CYS A 231 -21.77 3.14 3.37
C CYS A 231 -23.21 2.66 3.39
N PRO A 232 -23.63 1.91 2.38
CA PRO A 232 -25.00 1.40 2.37
C PRO A 232 -25.22 0.35 3.45
N ALA A 233 -26.39 0.40 4.07
CA ALA A 233 -26.69 -0.54 5.15
C ALA A 233 -26.73 -1.98 4.63
N GLY A 234 -26.08 -2.89 5.36
CA GLY A 234 -26.05 -4.28 5.00
C GLY A 234 -25.06 -4.67 3.92
N VAL A 235 -24.53 -3.69 3.19
CA VAL A 235 -23.60 -3.96 2.09
C VAL A 235 -22.18 -3.85 2.63
N VAL A 236 -21.41 -4.94 2.52
CA VAL A 236 -20.04 -4.97 3.02
C VAL A 236 -19.08 -4.79 1.85
N GLU A 237 -19.42 -5.36 0.70
CA GLU A 237 -18.57 -5.22 -0.48
C GLU A 237 -18.52 -3.78 -0.94
N GLY A 238 -17.31 -3.30 -1.23
CA GLY A 238 -17.13 -1.97 -1.77
C GLY A 238 -17.42 -0.88 -0.76
N ASN A 239 -17.61 -1.28 0.50
CA ASN A 239 -17.90 -0.34 1.56
C ASN A 239 -16.59 0.16 2.16
N PRO A 240 -16.17 1.40 1.91
CA PRO A 240 -14.89 1.86 2.46
C PRO A 240 -14.88 1.98 3.97
N ILE A 241 -16.03 2.25 4.59
CA ILE A 241 -16.08 2.35 6.05
C ILE A 241 -15.82 0.99 6.68
N MET A 242 -16.38 -0.07 6.10
CA MET A 242 -16.11 -1.41 6.60
C MET A 242 -14.66 -1.83 6.34
N GLU A 243 -14.09 -1.37 5.23
CA GLU A 243 -12.68 -1.67 4.96
C GLU A 243 -11.77 -1.03 6.00
N ILE A 244 -12.08 0.21 6.40
CA ILE A 244 -11.26 0.88 7.41
C ILE A 244 -11.34 0.15 8.73
N ALA A 245 -12.53 -0.34 9.09
CA ALA A 245 -12.67 -1.08 10.34
C ALA A 245 -11.94 -2.42 10.30
N LYS A 246 -11.85 -3.03 9.12
CA LYS A 246 -11.21 -4.33 9.01
C LYS A 246 -9.69 -4.22 9.03
N TYR A 247 -9.13 -3.21 8.37
CA TYR A 247 -7.69 -3.12 8.14
C TYR A 247 -6.96 -2.20 9.10
N PHE A 248 -7.67 -1.42 9.92
CA PHE A 248 -6.98 -0.43 10.74
C PHE A 248 -7.41 -0.46 12.20
N LEU A 249 -8.69 -0.76 12.47
CA LEU A 249 -9.20 -0.73 13.83
C LEU A 249 -8.75 -1.94 14.62
N GLU A 250 -8.65 -1.76 15.94
CA GLU A 250 -8.28 -2.82 16.85
C GLU A 250 -9.52 -3.36 17.55
N TYR A 251 -9.48 -4.64 17.90
CA TYR A 251 -10.61 -5.28 18.57
C TYR A 251 -10.15 -5.91 19.88
N PRO A 252 -11.07 -6.04 20.85
CA PRO A 252 -12.50 -5.68 20.78
C PRO A 252 -12.73 -4.20 20.45
N LEU A 253 -13.85 -3.92 19.77
CA LEU A 253 -14.21 -2.57 19.37
C LEU A 253 -15.51 -2.20 20.04
N THR A 254 -15.46 -1.16 20.88
CA THR A 254 -16.64 -0.68 21.60
C THR A 254 -17.31 0.41 20.77
N ILE A 255 -18.49 0.11 20.24
CA ILE A 255 -19.26 1.07 19.45
C ILE A 255 -20.21 1.80 20.38
N LYS A 256 -20.02 3.11 20.51
CA LYS A 256 -20.83 3.93 21.40
C LYS A 256 -22.02 4.52 20.64
N ARG A 257 -23.22 4.29 21.17
CA ARG A 257 -24.45 4.81 20.61
C ARG A 257 -25.44 5.03 21.73
N PRO A 258 -26.42 5.92 21.55
CA PRO A 258 -27.37 6.21 22.63
C PRO A 258 -28.17 4.99 23.03
N GLU A 259 -28.70 5.04 24.26
CA GLU A 259 -29.52 3.94 24.76
C GLU A 259 -30.78 3.76 23.92
N LYS A 260 -31.32 4.85 23.38
CA LYS A 260 -32.52 4.76 22.56
C LYS A 260 -32.28 4.07 21.22
N PHE A 261 -31.03 3.74 20.90
CA PHE A 261 -30.69 3.05 19.66
C PHE A 261 -30.02 1.71 19.91
N GLY A 262 -30.11 1.20 21.14
CA GLY A 262 -29.56 -0.10 21.49
C GLY A 262 -28.43 -0.06 22.50
N GLY A 263 -27.93 1.12 22.84
CA GLY A 263 -26.82 1.22 23.77
C GLY A 263 -25.50 0.83 23.14
N ASP A 264 -24.43 1.07 23.90
CA ASP A 264 -23.09 0.74 23.44
C ASP A 264 -22.97 -0.73 23.06
N LEU A 265 -22.30 -0.99 21.94
CA LEU A 265 -22.18 -2.33 21.38
C LEU A 265 -20.71 -2.69 21.30
N THR A 266 -20.32 -3.78 21.97
CA THR A 266 -18.95 -4.25 21.96
C THR A 266 -18.82 -5.40 20.97
N VAL A 267 -17.84 -5.29 20.06
CA VAL A 267 -17.59 -6.29 19.04
C VAL A 267 -16.15 -6.79 19.21
N ASN A 268 -15.99 -8.10 19.32
CA ASN A 268 -14.70 -8.70 19.61
C ASN A 268 -13.85 -8.95 18.37
N SER A 269 -14.44 -8.93 17.17
CA SER A 269 -13.69 -9.16 15.95
C SER A 269 -14.40 -8.46 14.80
N TYR A 270 -13.68 -8.34 13.67
CA TYR A 270 -14.30 -7.76 12.49
C TYR A 270 -15.34 -8.70 11.89
N GLU A 271 -15.13 -10.01 11.99
CA GLU A 271 -16.13 -10.95 11.52
C GLU A 271 -17.43 -10.78 12.28
N GLU A 272 -17.35 -10.46 13.57
CA GLU A 272 -18.55 -10.15 14.34
C GLU A 272 -19.17 -8.83 13.89
N LEU A 273 -18.33 -7.83 13.60
CA LEU A 273 -18.83 -6.56 13.09
C LEU A 273 -19.51 -6.73 11.74
N GLU A 274 -18.91 -7.53 10.86
CA GLU A 274 -19.50 -7.76 9.55
C GLU A 274 -20.85 -8.47 9.67
N SER A 275 -20.97 -9.39 10.62
CA SER A 275 -22.25 -10.07 10.82
C SER A 275 -23.32 -9.10 11.32
N LEU A 276 -22.95 -8.20 12.23
CA LEU A 276 -23.91 -7.22 12.73
C LEU A 276 -24.33 -6.23 11.65
N PHE A 277 -23.48 -6.02 10.64
CA PHE A 277 -23.77 -5.04 9.61
C PHE A 277 -24.54 -5.63 8.42
N LYS A 278 -24.26 -6.89 8.07
CA LYS A 278 -24.95 -7.50 6.94
C LYS A 278 -26.46 -7.56 7.19
N ASN A 279 -26.86 -8.18 8.30
CA ASN A 279 -28.24 -8.09 8.77
C ASN A 279 -28.36 -6.81 9.60
N LYS A 280 -29.03 -5.80 9.04
CA LYS A 280 -29.03 -4.45 9.57
C LYS A 280 -29.25 -4.39 11.08
N GLU A 281 -28.27 -4.85 11.85
CA GLU A 281 -28.28 -4.70 13.30
C GLU A 281 -27.40 -3.55 13.77
N LEU A 282 -26.56 -3.01 12.90
CA LEU A 282 -25.73 -1.84 13.20
C LEU A 282 -25.96 -0.81 12.10
N HIS A 283 -26.44 0.36 12.48
CA HIS A 283 -26.75 1.39 11.50
C HIS A 283 -25.46 2.01 10.95
N PRO A 284 -25.45 2.43 9.68
CA PRO A 284 -24.25 3.07 9.12
C PRO A 284 -23.82 4.32 9.88
N MET A 285 -24.76 5.08 10.43
CA MET A 285 -24.40 6.27 11.17
C MET A 285 -23.60 5.92 12.43
N ASP A 286 -24.02 4.86 13.13
CA ASP A 286 -23.26 4.42 14.29
C ASP A 286 -21.94 3.79 13.89
N LEU A 287 -21.90 3.11 12.75
CA LEU A 287 -20.63 2.59 12.24
C LEU A 287 -19.69 3.72 11.88
N LYS A 288 -20.19 4.76 11.22
CA LYS A 288 -19.35 5.89 10.85
C LYS A 288 -18.84 6.63 12.07
N ASN A 289 -19.67 6.78 13.10
CA ASN A 289 -19.25 7.49 14.31
C ASN A 289 -18.09 6.77 14.99
N ALA A 290 -18.20 5.45 15.14
CA ALA A 290 -17.15 4.70 15.82
C ALA A 290 -15.89 4.63 14.97
N VAL A 291 -16.04 4.42 13.66
CA VAL A 291 -14.86 4.31 12.79
C VAL A 291 -14.10 5.62 12.75
N ALA A 292 -14.83 6.74 12.69
CA ALA A 292 -14.17 8.04 12.63
C ALA A 292 -13.39 8.33 13.90
N GLU A 293 -14.00 8.11 15.06
CA GLU A 293 -13.33 8.42 16.33
C GLU A 293 -12.15 7.49 16.56
N GLU A 294 -12.30 6.20 16.24
CA GLU A 294 -11.19 5.27 16.42
C GLU A 294 -10.06 5.54 15.44
N LEU A 295 -10.40 5.87 14.18
CA LEU A 295 -9.37 6.20 13.21
C LEU A 295 -8.62 7.47 13.60
N ILE A 296 -9.31 8.42 14.24
CA ILE A 296 -8.65 9.63 14.71
C ILE A 296 -7.63 9.29 15.78
N LYS A 297 -7.98 8.40 16.71
CA LYS A 297 -7.03 7.95 17.71
C LYS A 297 -5.85 7.21 17.09
N ILE A 298 -6.10 6.47 15.99
CA ILE A 298 -5.02 5.74 15.34
C ILE A 298 -4.03 6.69 14.70
N LEU A 299 -4.53 7.70 13.99
CA LEU A 299 -3.69 8.63 13.24
C LEU A 299 -3.18 9.78 14.09
N GLU A 300 -3.64 9.92 15.33
CA GLU A 300 -3.22 11.04 16.17
C GLU A 300 -1.71 11.07 16.37
N PRO A 301 -1.04 9.97 16.72
CA PRO A 301 0.43 10.03 16.87
C PRO A 301 1.15 10.39 15.59
N ILE A 302 0.60 10.01 14.43
CA ILE A 302 1.25 10.35 13.16
C ILE A 302 1.08 11.83 12.85
N ARG A 303 -0.15 12.34 12.94
CA ARG A 303 -0.38 13.76 12.72
C ARG A 303 0.36 14.61 13.76
N LYS A 304 0.48 14.11 14.99
CA LYS A 304 1.21 14.86 16.01
C LYS A 304 2.70 14.95 15.67
N ARG A 305 3.30 13.82 15.29
CA ARG A 305 4.71 13.83 14.89
C ARG A 305 4.95 14.83 13.76
N LEU A 306 4.00 14.93 12.83
CA LEU A 306 4.16 15.86 11.71
C LEU A 306 3.89 17.29 12.14
N LEU A 307 2.92 17.50 13.05
CA LEU A 307 2.65 18.85 13.54
C LEU A 307 3.80 19.39 14.36
N GLU A 308 4.57 18.53 15.02
N GLU A 308 4.57 18.52 15.01
CA GLU A 308 5.68 18.99 15.84
CA GLU A 308 5.70 18.95 15.83
C GLU A 308 6.78 19.64 15.01
C GLU A 308 6.76 19.66 15.00
N HIS A 309 6.86 19.31 13.71
CA HIS A 309 7.91 19.90 12.88
C HIS A 309 7.73 21.40 12.71
N HIS A 310 6.48 21.86 12.64
CA HIS A 310 6.21 23.28 12.44
C HIS A 310 6.68 24.11 13.63
#